data_7FGR
#
_entry.id   7FGR
#
_cell.length_a   179.050
_cell.length_b   70.140
_cell.length_c   41.260
_cell.angle_alpha   90.00
_cell.angle_beta   93.15
_cell.angle_gamma   90.00
#
_symmetry.space_group_name_H-M   'C 1 2 1'
#
loop_
_entity.id
_entity.type
_entity.pdbx_description
1 polymer 'Fab Heavy Chain'
2 polymer 'Fab Light Chain'
3 polymer VQIFNK
4 non-polymer GLYCEROL
5 non-polymer 'AMMONIUM ION'
6 non-polymer 'CHLORIDE ION'
7 non-polymer 'IODIDE ION'
8 water water
#
loop_
_entity_poly.entity_id
_entity_poly.type
_entity_poly.pdbx_seq_one_letter_code
_entity_poly.pdbx_strand_id
1 'polypeptide(L)'
;QVQLQQSGAALVRPGTSVKVSCRASEYAFTNYVIEWVKQRPGQGLEWIGVINPGSGGTNYNEKFKGKATLIADKSSSTAY
MQLSSLTSDDSAVYFCARSTYYSGALDYWGQGTSVTVSSAKTTAPSVYPLAPVCGDTTGSSVTLGCLVKGYFPEPVTLTW
NSGSLSSGVHTFPAVLQSDLYTLSSSVTVTSSTWPSQSITCNVAHPASSTKVDKKIEPR
;
H
2 'polypeptide(L)'
;QLVLTQSSSASFSLGASAKLTCTLSSQHSTYTIEWYQQQPLKPPKYVMELKKDGSHSTGDGIPDRFSGSSSGADRYLSIS
NIQPEDEAIYICGVGDTIKEQFVYVFGGGTKVTVLGQPKSTPTLTVFPPSSEELKENKATLVCLISNFSPSGVTVAWKAN
GTPITQGVDTSNPTKEGNKFMASSFLHLTSDQWRSHNSFTCQVTHEGDTVEKSLSPA
;
L
3 'polypeptide(L)' VQIFNK C
#
# COMPACT_ATOMS: atom_id res chain seq x y z
N GLN A 1 6.14 -16.93 -13.31
CA GLN A 1 6.61 -18.19 -12.68
C GLN A 1 7.70 -17.85 -11.66
N VAL A 2 8.62 -16.93 -11.99
CA VAL A 2 9.64 -16.45 -11.01
C VAL A 2 8.88 -15.76 -9.88
N GLN A 3 8.99 -16.29 -8.66
CA GLN A 3 8.18 -15.70 -7.55
C GLN A 3 8.99 -15.61 -6.26
N LEU A 4 8.90 -14.47 -5.57
CA LEU A 4 9.55 -14.28 -4.25
C LEU A 4 8.42 -14.16 -3.22
N GLN A 5 8.18 -15.22 -2.44
CA GLN A 5 7.07 -15.21 -1.46
C GLN A 5 7.63 -14.84 -0.08
N GLN A 6 7.15 -13.73 0.46
CA GLN A 6 7.67 -13.25 1.75
C GLN A 6 6.73 -13.66 2.88
N SER A 7 7.22 -13.66 4.10
CA SER A 7 6.42 -14.03 5.29
C SER A 7 5.26 -13.05 5.52
N GLY A 8 4.37 -13.36 6.45
CA GLY A 8 3.18 -12.55 6.68
C GLY A 8 3.40 -11.31 7.53
N ALA A 9 2.35 -10.53 7.73
CA ALA A 9 2.44 -9.30 8.55
C ALA A 9 2.82 -9.69 9.98
N ALA A 10 3.75 -8.95 10.57
CA ALA A 10 4.24 -9.29 11.92
C ALA A 10 4.09 -8.12 12.88
N LEU A 11 3.55 -8.39 14.06
CA LEU A 11 3.45 -7.37 15.14
C LEU A 11 4.61 -7.62 16.08
N VAL A 12 5.54 -6.67 16.13
CA VAL A 12 6.72 -6.79 17.01
C VAL A 12 6.58 -5.78 18.14
N ARG A 13 6.81 -6.23 19.35
CA ARG A 13 6.76 -5.32 20.51
C ARG A 13 8.05 -4.49 20.51
N PRO A 14 8.06 -3.21 20.94
CA PRO A 14 9.28 -2.44 20.96
C PRO A 14 10.40 -3.05 21.81
N GLY A 15 11.63 -2.99 21.29
CA GLY A 15 12.79 -3.53 22.02
C GLY A 15 13.00 -5.00 21.76
N THR A 16 12.20 -5.55 20.85
CA THR A 16 12.34 -6.98 20.50
C THR A 16 12.86 -7.07 19.07
N SER A 17 13.01 -8.29 18.56
CA SER A 17 13.57 -8.50 17.21
C SER A 17 12.56 -9.27 16.37
N VAL A 18 12.72 -9.23 15.07
CA VAL A 18 11.77 -9.91 14.15
C VAL A 18 12.56 -10.66 13.07
N LYS A 19 12.03 -11.78 12.61
CA LYS A 19 12.62 -12.51 11.46
C LYS A 19 11.62 -12.51 10.32
N VAL A 20 11.99 -11.92 9.18
CA VAL A 20 11.14 -11.92 7.97
C VAL A 20 11.75 -12.92 6.99
N SER A 21 10.96 -13.61 6.19
CA SER A 21 11.50 -14.70 5.33
C SER A 21 11.11 -14.50 3.85
N CYS A 22 12.05 -14.72 2.93
CA CYS A 22 11.80 -14.59 1.47
C CYS A 22 12.13 -15.92 0.80
N ARG A 23 11.12 -16.68 0.38
CA ARG A 23 11.34 -18.00 -0.27
C ARG A 23 11.29 -17.86 -1.80
N ALA A 24 12.34 -18.34 -2.46
CA ALA A 24 12.44 -18.21 -3.93
C ALA A 24 11.72 -19.36 -4.62
N SER A 25 11.20 -19.11 -5.82
CA SER A 25 10.55 -20.18 -6.61
C SER A 25 10.82 -20.00 -8.10
N GLU A 26 10.93 -21.10 -8.84
CA GLU A 26 11.12 -21.09 -10.33
C GLU A 26 12.46 -20.50 -10.78
N TYR A 27 13.51 -20.68 -10.00
CA TYR A 27 14.88 -20.30 -10.45
C TYR A 27 15.89 -20.97 -9.52
N ALA A 28 17.17 -20.96 -9.90
CA ALA A 28 18.22 -21.53 -9.05
C ALA A 28 18.63 -20.47 -8.03
N PHE A 29 18.32 -20.70 -6.76
CA PHE A 29 18.60 -19.72 -5.67
C PHE A 29 20.06 -19.26 -5.69
N THR A 30 21.02 -20.18 -5.66
CA THR A 30 22.46 -19.84 -5.54
C THR A 30 23.00 -19.03 -6.72
N ASN A 31 22.32 -19.08 -7.88
CA ASN A 31 22.78 -18.36 -9.10
C ASN A 31 22.57 -16.84 -9.02
N TYR A 32 21.70 -16.37 -8.11
CA TYR A 32 21.39 -14.92 -8.00
C TYR A 32 21.59 -14.47 -6.55
N VAL A 33 21.64 -13.15 -6.33
CA VAL A 33 21.73 -12.60 -4.95
C VAL A 33 20.35 -12.13 -4.51
N ILE A 34 20.07 -12.20 -3.21
CA ILE A 34 18.80 -11.69 -2.65
C ILE A 34 19.14 -10.35 -1.98
N GLU A 35 18.39 -9.30 -2.30
CA GLU A 35 18.62 -7.96 -1.70
C GLU A 35 17.38 -7.54 -0.89
N TRP A 36 17.59 -6.74 0.15
CA TRP A 36 16.47 -6.31 1.04
C TRP A 36 16.32 -4.77 1.01
N VAL A 37 15.09 -4.28 0.86
CA VAL A 37 14.81 -2.82 0.74
C VAL A 37 13.68 -2.41 1.70
N LYS A 38 13.77 -1.22 2.30
CA LYS A 38 12.70 -0.71 3.18
C LYS A 38 11.91 0.39 2.47
N GLN A 39 10.58 0.34 2.58
CA GLN A 39 9.74 1.41 2.00
C GLN A 39 9.85 2.63 2.90
N ARG A 40 10.27 3.76 2.34
CA ARG A 40 10.41 5.01 3.11
C ARG A 40 9.03 5.59 3.41
N PRO A 41 8.89 6.45 4.44
CA PRO A 41 7.57 6.93 4.84
C PRO A 41 6.70 7.68 3.80
N GLY A 42 7.27 8.63 3.07
CA GLY A 42 6.42 9.40 2.14
C GLY A 42 6.55 8.87 0.74
N GLN A 43 7.76 8.80 0.23
CA GLN A 43 8.03 8.17 -1.10
C GLN A 43 9.45 7.65 -1.04
N GLY A 44 9.76 6.64 -1.83
CA GLY A 44 11.16 6.23 -1.91
C GLY A 44 11.49 4.88 -1.32
N LEU A 45 12.71 4.43 -1.58
CA LEU A 45 13.19 3.13 -1.07
C LEU A 45 14.53 3.31 -0.37
N GLU A 46 14.86 2.43 0.55
CA GLU A 46 16.10 2.48 1.33
C GLU A 46 16.69 1.09 1.32
N TRP A 47 17.86 0.97 0.74
CA TRP A 47 18.55 -0.33 0.59
C TRP A 47 19.07 -0.76 1.96
N ILE A 48 18.82 -2.00 2.34
CA ILE A 48 19.29 -2.53 3.65
C ILE A 48 20.58 -3.31 3.43
N GLY A 49 20.57 -4.23 2.47
CA GLY A 49 21.74 -5.06 2.20
C GLY A 49 21.50 -6.17 1.19
N VAL A 50 22.49 -7.03 0.97
CA VAL A 50 22.42 -8.14 -0.02
C VAL A 50 23.02 -9.40 0.60
N ILE A 51 22.55 -10.56 0.20
CA ILE A 51 23.18 -11.83 0.67
C ILE A 51 23.59 -12.62 -0.56
N ASN A 52 24.84 -13.11 -0.60
CA ASN A 52 25.28 -14.04 -1.66
C ASN A 52 24.91 -15.40 -1.10
N PRO A 53 23.86 -16.08 -1.62
CA PRO A 53 23.38 -17.33 -1.02
C PRO A 53 24.40 -18.48 -0.98
N GLY A 54 25.18 -18.66 -2.04
CA GLY A 54 26.23 -19.70 -2.03
C GLY A 54 27.35 -19.47 -1.03
N SER A 55 27.85 -18.23 -0.89
CA SER A 55 29.01 -17.97 -0.02
C SER A 55 28.57 -17.55 1.38
N GLY A 56 27.34 -17.05 1.52
CA GLY A 56 26.93 -16.49 2.82
C GLY A 56 27.46 -15.07 2.92
N GLY A 57 28.05 -14.57 1.84
CA GLY A 57 28.60 -13.21 1.79
C GLY A 57 27.52 -12.15 1.93
N THR A 58 27.62 -11.32 2.96
CA THR A 58 26.62 -10.25 3.23
C THR A 58 27.28 -8.88 3.05
N ASN A 59 26.66 -7.95 2.34
CA ASN A 59 26.97 -6.50 2.45
C ASN A 59 25.73 -5.77 2.97
N TYR A 60 25.91 -4.69 3.72
CA TYR A 60 24.82 -3.90 4.33
C TYR A 60 25.03 -2.41 4.03
N ASN A 61 23.93 -1.65 4.00
CA ASN A 61 23.92 -0.19 4.19
C ASN A 61 24.54 0.11 5.57
N GLU A 62 25.52 1.01 5.64
CA GLU A 62 26.16 1.44 6.90
C GLU A 62 25.12 1.55 8.03
N LYS A 63 23.95 2.16 7.71
CA LYS A 63 22.86 2.46 8.69
C LYS A 63 22.28 1.17 9.29
N PHE A 64 22.40 0.01 8.65
CA PHE A 64 21.72 -1.22 9.13
C PHE A 64 22.71 -2.20 9.74
N LYS A 65 23.99 -1.88 9.79
CA LYS A 65 24.99 -2.72 10.51
C LYS A 65 24.62 -2.68 11.99
N GLY A 66 24.45 -3.85 12.61
CA GLY A 66 24.06 -3.96 14.03
C GLY A 66 22.56 -3.89 14.19
N LYS A 67 21.81 -3.80 13.09
CA LYS A 67 20.32 -3.76 13.11
C LYS A 67 19.78 -4.92 12.28
N ALA A 68 20.34 -5.14 11.09
CA ALA A 68 19.89 -6.19 10.18
C ALA A 68 20.94 -7.31 10.14
N THR A 69 20.46 -8.50 9.84
CA THR A 69 21.25 -9.75 9.80
C THR A 69 20.63 -10.60 8.71
N LEU A 70 21.32 -10.67 7.58
CA LEU A 70 20.82 -11.41 6.42
C LEU A 70 21.38 -12.83 6.44
N ILE A 71 20.54 -13.82 6.21
CA ILE A 71 20.92 -15.25 6.20
C ILE A 71 20.17 -15.90 5.03
N ALA A 72 20.68 -17.00 4.49
CA ALA A 72 20.05 -17.78 3.41
C ALA A 72 20.45 -19.25 3.56
N ASP A 73 19.52 -20.14 3.29
CA ASP A 73 19.65 -21.58 3.58
C ASP A 73 19.31 -22.29 2.27
N LYS A 74 20.35 -22.78 1.58
CA LYS A 74 20.28 -23.34 0.20
C LYS A 74 19.13 -24.37 0.12
N SER A 75 18.97 -25.23 1.13
CA SER A 75 18.07 -26.41 1.17
C SER A 75 16.64 -26.02 0.77
N SER A 76 16.05 -25.08 1.51
CA SER A 76 14.64 -24.62 1.36
C SER A 76 14.56 -23.40 0.43
N SER A 77 15.69 -23.03 -0.18
CA SER A 77 15.72 -21.89 -1.11
C SER A 77 15.05 -20.67 -0.47
N THR A 78 15.37 -20.39 0.80
CA THR A 78 14.72 -19.27 1.53
C THR A 78 15.75 -18.30 2.12
N ALA A 79 15.50 -16.99 1.99
CA ALA A 79 16.37 -15.97 2.60
C ALA A 79 15.67 -15.37 3.82
N TYR A 80 16.42 -15.00 4.84
CA TYR A 80 15.82 -14.47 6.09
C TYR A 80 16.49 -13.15 6.45
N MET A 81 15.71 -12.20 6.95
CA MET A 81 16.29 -10.95 7.48
C MET A 81 15.87 -10.80 8.94
N GLN A 82 16.84 -10.68 9.83
CA GLN A 82 16.51 -10.39 11.24
C GLN A 82 16.74 -8.90 11.47
N LEU A 83 15.75 -8.21 12.02
CA LEU A 83 15.89 -6.80 12.41
C LEU A 83 15.79 -6.79 13.93
N SER A 84 16.70 -6.12 14.62
CA SER A 84 16.81 -6.23 16.10
C SER A 84 16.50 -4.95 16.87
N SER A 85 16.09 -5.09 18.14
CA SER A 85 15.81 -3.93 19.03
C SER A 85 14.95 -2.90 18.31
N LEU A 86 13.79 -3.34 17.85
CA LEU A 86 12.92 -2.49 17.00
C LEU A 86 12.17 -1.35 17.69
N THR A 87 12.12 -0.19 17.02
CA THR A 87 11.33 0.96 17.48
C THR A 87 10.25 1.21 16.42
N SER A 88 9.36 2.20 16.60
CA SER A 88 8.29 2.55 15.65
C SER A 88 8.87 2.95 14.28
N ASP A 89 10.11 3.38 14.24
CA ASP A 89 10.80 3.75 12.98
C ASP A 89 10.90 2.50 12.12
N ASP A 90 11.00 1.35 12.76
CA ASP A 90 11.13 0.07 12.03
C ASP A 90 9.76 -0.38 11.51
N SER A 91 8.69 0.32 11.89
CA SER A 91 7.34 0.02 11.32
C SER A 91 7.32 0.44 9.86
N ALA A 92 7.33 -0.53 8.95
CA ALA A 92 7.36 -0.26 7.50
C ALA A 92 7.15 -1.54 6.70
N VAL A 93 7.06 -1.39 5.39
CA VAL A 93 6.95 -2.53 4.46
C VAL A 93 8.37 -2.82 3.99
N TYR A 94 8.84 -4.03 4.20
CA TYR A 94 10.19 -4.46 3.80
C TYR A 94 10.07 -5.40 2.60
N PHE A 95 10.89 -5.17 1.59
CA PHE A 95 10.82 -6.03 0.40
C PHE A 95 12.09 -6.82 0.16
N CYS A 96 11.95 -8.01 -0.40
CA CYS A 96 13.11 -8.79 -0.86
C CYS A 96 13.05 -8.66 -2.37
N ALA A 97 14.19 -8.65 -3.04
CA ALA A 97 14.23 -8.51 -4.51
C ALA A 97 15.42 -9.29 -5.06
N ARG A 98 15.34 -9.74 -6.31
CA ARG A 98 16.43 -10.56 -6.91
C ARG A 98 17.29 -9.67 -7.80
N SER A 99 18.58 -9.96 -7.84
CA SER A 99 19.50 -9.21 -8.73
C SER A 99 20.55 -10.19 -9.25
N THR A 100 21.21 -9.82 -10.34
CA THR A 100 22.34 -10.64 -10.83
C THR A 100 23.55 -10.36 -9.94
N TYR A 101 24.61 -11.14 -10.05
CA TYR A 101 25.86 -10.85 -9.30
C TYR A 101 26.70 -9.84 -10.10
N TYR A 102 26.20 -9.35 -11.23
CA TYR A 102 27.02 -8.53 -12.16
C TYR A 102 26.40 -7.15 -12.45
N SER A 103 25.13 -6.96 -12.10
CA SER A 103 24.41 -5.71 -12.49
C SER A 103 23.65 -5.13 -11.29
N GLY A 104 23.05 -3.94 -11.44
CA GLY A 104 22.37 -3.36 -10.27
C GLY A 104 20.89 -3.65 -10.29
N ALA A 105 20.39 -4.21 -11.38
CA ALA A 105 18.93 -4.39 -11.54
C ALA A 105 18.28 -5.31 -10.53
N LEU A 106 17.29 -4.79 -9.79
CA LEU A 106 16.47 -5.65 -8.92
C LEU A 106 15.31 -5.98 -9.86
N ASP A 107 15.30 -7.16 -10.46
CA ASP A 107 14.36 -7.48 -11.56
C ASP A 107 13.04 -8.07 -11.08
N TYR A 108 13.08 -8.87 -10.03
CA TYR A 108 11.86 -9.50 -9.48
C TYR A 108 11.79 -9.17 -7.98
N TRP A 109 10.66 -8.64 -7.53
CA TRP A 109 10.50 -8.22 -6.12
C TRP A 109 9.47 -9.08 -5.38
N GLY A 110 9.56 -9.18 -4.06
CA GLY A 110 8.57 -9.91 -3.25
C GLY A 110 7.33 -9.07 -3.02
N GLN A 111 6.29 -9.66 -2.40
CA GLN A 111 5.01 -8.95 -2.19
C GLN A 111 5.16 -7.92 -1.07
N GLY A 112 6.11 -8.16 -0.17
CA GLY A 112 6.34 -7.26 0.97
C GLY A 112 5.90 -7.86 2.28
N THR A 113 6.63 -7.57 3.36
CA THR A 113 6.21 -7.98 4.72
C THR A 113 5.97 -6.70 5.53
N SER A 114 4.74 -6.46 5.97
CA SER A 114 4.42 -5.25 6.76
C SER A 114 4.72 -5.49 8.24
N VAL A 115 5.67 -4.73 8.77
CA VAL A 115 6.05 -4.87 10.20
C VAL A 115 5.44 -3.72 11.01
N THR A 116 4.66 -4.04 12.04
CA THR A 116 4.05 -3.05 12.96
C THR A 116 4.76 -3.17 14.31
N VAL A 117 5.41 -2.10 14.77
CA VAL A 117 6.07 -2.06 16.11
C VAL A 117 5.22 -1.20 17.06
N SER A 118 4.64 -1.83 18.08
CA SER A 118 3.76 -1.11 19.05
C SER A 118 3.60 -1.91 20.33
N SER A 119 3.28 -1.23 21.43
CA SER A 119 3.01 -1.91 22.72
C SER A 119 1.49 -1.95 22.92
N ALA A 120 0.74 -1.58 21.89
CA ALA A 120 -0.74 -1.45 21.96
C ALA A 120 -1.40 -2.81 22.18
N LYS A 121 -2.54 -2.78 22.85
CA LYS A 121 -3.29 -4.00 23.25
C LYS A 121 -3.81 -4.68 21.97
N THR A 122 -3.40 -5.94 21.78
CA THR A 122 -3.95 -6.77 20.68
C THR A 122 -5.43 -6.88 20.99
N THR A 123 -6.28 -6.45 20.05
CA THR A 123 -7.74 -6.42 20.27
C THR A 123 -8.47 -7.02 19.07
N ALA A 124 -9.36 -7.98 19.30
CA ALA A 124 -10.13 -8.61 18.22
C ALA A 124 -11.30 -7.71 17.83
N PRO A 125 -11.56 -7.47 16.52
CA PRO A 125 -12.65 -6.63 16.08
C PRO A 125 -14.02 -6.97 16.68
N SER A 126 -14.82 -5.93 16.86
CA SER A 126 -16.26 -6.12 17.09
C SER A 126 -16.96 -5.89 15.73
N VAL A 127 -17.63 -6.94 15.26
CA VAL A 127 -18.26 -6.91 13.92
C VAL A 127 -19.78 -6.79 14.05
N TYR A 128 -20.34 -5.82 13.35
CA TYR A 128 -21.78 -5.54 13.34
C TYR A 128 -22.27 -5.76 11.90
N PRO A 129 -23.42 -6.40 11.72
CA PRO A 129 -24.04 -6.48 10.40
C PRO A 129 -24.80 -5.18 10.09
N LEU A 130 -24.66 -4.65 8.88
CA LEU A 130 -25.38 -3.42 8.44
C LEU A 130 -26.45 -3.79 7.40
N ALA A 131 -27.73 -3.80 7.79
CA ALA A 131 -28.84 -4.11 6.86
C ALA A 131 -29.01 -2.98 5.85
N PRO A 132 -29.72 -3.20 4.73
CA PRO A 132 -29.97 -2.14 3.76
C PRO A 132 -30.66 -0.93 4.41
N VAL A 133 -30.30 0.27 3.99
CA VAL A 133 -30.79 1.53 4.63
C VAL A 133 -32.08 2.10 4.04
N CYS A 134 -32.94 2.74 4.85
CA CYS A 134 -34.09 3.59 4.40
C CYS A 134 -34.96 4.01 5.60
N SER A 140 -35.18 -4.93 -6.75
CA SER A 140 -34.39 -5.90 -7.54
C SER A 140 -33.01 -6.15 -6.91
N SER A 141 -32.38 -5.12 -6.36
CA SER A 141 -31.02 -5.25 -5.79
C SER A 141 -30.90 -4.51 -4.45
N VAL A 142 -29.94 -4.91 -3.61
CA VAL A 142 -29.75 -4.32 -2.24
C VAL A 142 -28.28 -4.32 -1.85
N THR A 143 -27.85 -3.21 -1.25
CA THR A 143 -26.45 -3.09 -0.78
C THR A 143 -26.42 -3.42 0.71
N LEU A 144 -25.80 -4.54 1.07
CA LEU A 144 -25.61 -4.90 2.49
C LEU A 144 -24.23 -4.39 2.92
N GLY A 145 -24.00 -4.33 4.22
CA GLY A 145 -22.72 -3.83 4.74
C GLY A 145 -22.22 -4.53 5.99
N CYS A 146 -20.97 -4.28 6.35
CA CYS A 146 -20.33 -4.91 7.53
C CYS A 146 -19.47 -3.88 8.24
N LEU A 147 -19.62 -3.73 9.54
CA LEU A 147 -18.75 -2.81 10.30
C LEU A 147 -17.77 -3.62 11.13
N VAL A 148 -16.50 -3.28 11.04
CA VAL A 148 -15.41 -3.96 11.81
C VAL A 148 -14.83 -2.90 12.73
N LYS A 149 -15.24 -2.90 13.98
CA LYS A 149 -14.87 -1.80 14.91
C LYS A 149 -13.81 -2.20 15.95
N GLY A 150 -12.81 -1.36 16.13
CA GLY A 150 -11.82 -1.53 17.21
C GLY A 150 -10.98 -2.79 17.15
N TYR A 151 -10.00 -2.83 16.24
CA TYR A 151 -9.07 -3.97 16.15
C TYR A 151 -7.62 -3.50 16.11
N PHE A 152 -6.72 -4.25 16.74
CA PHE A 152 -5.28 -3.96 16.63
C PHE A 152 -4.49 -5.25 16.83
N PRO A 153 -3.47 -5.57 16.02
CA PRO A 153 -3.00 -4.74 14.92
C PRO A 153 -3.71 -5.01 13.57
N GLU A 154 -3.32 -4.34 12.50
CA GLU A 154 -3.59 -4.82 11.11
C GLU A 154 -2.71 -6.03 10.88
N PRO A 155 -3.03 -6.96 9.98
CA PRO A 155 -4.23 -6.92 9.15
C PRO A 155 -5.42 -7.71 9.68
N VAL A 156 -6.58 -7.46 9.11
CA VAL A 156 -7.71 -8.42 9.11
C VAL A 156 -7.89 -8.87 7.68
N THR A 157 -8.65 -9.96 7.51
CA THR A 157 -9.09 -10.48 6.21
C THR A 157 -10.61 -10.51 6.21
N LEU A 158 -11.23 -9.76 5.30
CA LEU A 158 -12.70 -9.71 5.15
C LEU A 158 -13.07 -10.40 3.83
N THR A 159 -14.00 -11.35 3.93
CA THR A 159 -14.69 -11.96 2.79
C THR A 159 -16.18 -11.91 3.09
N TRP A 160 -16.99 -12.25 2.10
CA TRP A 160 -18.43 -12.54 2.23
C TRP A 160 -18.66 -14.00 1.87
N ASN A 161 -19.49 -14.71 2.64
CA ASN A 161 -19.64 -16.20 2.54
C ASN A 161 -18.29 -16.89 2.33
N SER A 162 -17.27 -16.44 3.06
CA SER A 162 -15.91 -17.03 3.10
C SER A 162 -15.32 -17.08 1.68
N GLY A 163 -15.58 -16.05 0.86
CA GLY A 163 -15.00 -15.93 -0.49
C GLY A 163 -15.94 -16.42 -1.57
N SER A 164 -17.07 -17.02 -1.19
CA SER A 164 -18.03 -17.63 -2.15
C SER A 164 -18.80 -16.51 -2.85
N LEU A 165 -19.09 -15.45 -2.10
CA LEU A 165 -19.74 -14.22 -2.62
C LEU A 165 -18.63 -13.22 -2.90
N SER A 166 -18.15 -13.20 -4.15
CA SER A 166 -17.03 -12.34 -4.64
C SER A 166 -17.52 -11.18 -5.51
N SER A 167 -18.61 -11.35 -6.25
CA SER A 167 -19.17 -10.34 -7.20
C SER A 167 -19.84 -9.19 -6.44
N GLY A 168 -19.50 -7.94 -6.77
CA GLY A 168 -20.10 -6.72 -6.21
C GLY A 168 -19.61 -6.35 -4.80
N VAL A 169 -18.44 -6.88 -4.40
CA VAL A 169 -17.82 -6.61 -3.06
C VAL A 169 -16.95 -5.39 -3.21
N HIS A 170 -17.01 -4.45 -2.28
CA HIS A 170 -16.05 -3.32 -2.15
C HIS A 170 -15.64 -3.22 -0.68
N THR A 171 -14.36 -3.41 -0.36
CA THR A 171 -13.84 -3.37 1.03
C THR A 171 -12.92 -2.15 1.18
N PHE A 172 -13.43 -1.16 1.91
CA PHE A 172 -12.83 0.18 1.97
C PHE A 172 -11.66 0.32 2.95
N PRO A 173 -10.77 1.33 2.76
CA PRO A 173 -9.57 1.45 3.60
C PRO A 173 -9.89 1.66 5.09
N ALA A 174 -9.11 1.06 5.98
CA ALA A 174 -9.33 1.21 7.43
C ALA A 174 -8.96 2.61 7.92
N VAL A 175 -9.55 3.01 9.03
CA VAL A 175 -9.19 4.30 9.68
C VAL A 175 -8.44 3.93 10.96
N LEU A 176 -7.51 4.79 11.40
CA LEU A 176 -6.75 4.53 12.65
C LEU A 176 -6.98 5.63 13.68
N GLN A 177 -7.28 5.25 14.91
CA GLN A 177 -7.60 6.23 15.97
C GLN A 177 -7.32 5.60 17.32
N SER A 178 -6.26 6.03 18.01
CA SER A 178 -5.96 5.58 19.40
C SER A 178 -5.68 4.08 19.38
N ASP A 179 -4.76 3.68 18.50
CA ASP A 179 -4.25 2.30 18.42
C ASP A 179 -5.38 1.30 18.21
N LEU A 180 -6.47 1.73 17.59
CA LEU A 180 -7.58 0.82 17.25
C LEU A 180 -7.98 1.15 15.82
N TYR A 181 -8.14 0.14 14.97
CA TYR A 181 -8.54 0.33 13.56
C TYR A 181 -10.02 0.03 13.37
N THR A 182 -10.67 0.75 12.45
CA THR A 182 -12.09 0.50 12.10
C THR A 182 -12.17 0.40 10.57
N LEU A 183 -12.98 -0.51 10.04
CA LEU A 183 -13.08 -0.76 8.59
C LEU A 183 -14.51 -1.17 8.25
N SER A 184 -14.96 -0.86 7.04
CA SER A 184 -16.30 -1.32 6.57
C SER A 184 -16.24 -1.90 5.16
N SER A 185 -17.16 -2.82 4.87
CA SER A 185 -17.29 -3.41 3.53
C SER A 185 -18.75 -3.40 3.14
N SER A 186 -19.01 -3.33 1.84
CA SER A 186 -20.37 -3.35 1.27
C SER A 186 -20.45 -4.47 0.24
N VAL A 187 -21.66 -4.83 -0.14
CA VAL A 187 -21.89 -5.85 -1.19
C VAL A 187 -23.30 -5.63 -1.74
N THR A 188 -23.44 -5.57 -3.06
CA THR A 188 -24.77 -5.45 -3.70
C THR A 188 -25.17 -6.84 -4.20
N VAL A 189 -26.34 -7.31 -3.81
CA VAL A 189 -26.90 -8.64 -4.19
C VAL A 189 -28.33 -8.42 -4.71
N THR A 190 -28.92 -9.38 -5.43
CA THR A 190 -30.30 -9.26 -5.93
C THR A 190 -31.24 -9.55 -4.77
N SER A 191 -32.50 -9.14 -4.93
CA SER A 191 -33.61 -9.38 -3.96
C SER A 191 -33.85 -10.88 -3.81
N SER A 192 -33.35 -11.68 -4.74
CA SER A 192 -33.64 -13.14 -4.82
C SER A 192 -32.59 -13.91 -4.02
N THR A 193 -31.38 -13.36 -3.87
CA THR A 193 -30.30 -13.97 -3.06
C THR A 193 -30.57 -13.78 -1.56
N TRP A 194 -30.82 -12.53 -1.17
CA TRP A 194 -31.01 -12.12 0.25
C TRP A 194 -32.35 -11.39 0.42
N PRO A 195 -33.17 -11.71 1.43
CA PRO A 195 -32.76 -12.48 2.59
C PRO A 195 -33.01 -14.01 2.53
N SER A 196 -33.34 -14.52 1.35
CA SER A 196 -33.65 -15.96 1.17
C SER A 196 -32.44 -16.80 1.54
N GLN A 197 -31.25 -16.31 1.22
CA GLN A 197 -30.01 -17.04 1.56
C GLN A 197 -29.21 -16.35 2.67
N SER A 198 -28.61 -17.13 3.57
CA SER A 198 -27.65 -16.65 4.61
C SER A 198 -26.46 -15.97 3.93
N ILE A 199 -26.25 -14.70 4.20
CA ILE A 199 -25.10 -13.88 3.70
C ILE A 199 -24.35 -13.44 4.95
N THR A 200 -23.08 -13.78 4.99
CA THR A 200 -22.24 -13.49 6.17
C THR A 200 -21.02 -12.65 5.82
N CYS A 201 -20.66 -11.75 6.71
CA CYS A 201 -19.38 -11.00 6.58
C CYS A 201 -18.39 -11.76 7.47
N ASN A 202 -17.33 -12.27 6.88
CA ASN A 202 -16.34 -13.08 7.61
C ASN A 202 -15.13 -12.22 7.94
N VAL A 203 -14.75 -12.18 9.21
CA VAL A 203 -13.58 -11.37 9.65
C VAL A 203 -12.57 -12.20 10.46
N ALA A 204 -11.44 -12.52 9.83
CA ALA A 204 -10.32 -13.27 10.45
C ALA A 204 -9.28 -12.24 10.89
N HIS A 205 -8.86 -12.31 12.14
CA HIS A 205 -7.82 -11.42 12.72
C HIS A 205 -6.70 -12.30 13.27
N PRO A 206 -5.60 -12.55 12.54
CA PRO A 206 -4.61 -13.55 12.95
C PRO A 206 -3.96 -13.28 14.30
N ALA A 207 -3.73 -12.01 14.63
CA ALA A 207 -2.98 -11.64 15.85
C ALA A 207 -3.77 -11.97 17.14
N SER A 208 -5.10 -12.16 17.04
CA SER A 208 -6.00 -12.48 18.19
C SER A 208 -6.49 -13.90 18.08
N SER A 209 -6.03 -14.64 17.07
CA SER A 209 -6.50 -15.99 16.66
C SER A 209 -8.03 -16.08 16.51
N THR A 210 -8.71 -15.01 16.08
CA THR A 210 -10.19 -14.99 15.98
C THR A 210 -10.68 -14.97 14.53
N LYS A 211 -11.91 -15.45 14.37
CA LYS A 211 -12.63 -15.46 13.08
C LYS A 211 -14.10 -15.28 13.46
N VAL A 212 -14.77 -14.26 12.93
CA VAL A 212 -16.22 -14.05 13.17
C VAL A 212 -16.99 -14.00 11.86
N ASP A 213 -18.09 -14.75 11.78
CA ASP A 213 -18.98 -14.76 10.61
C ASP A 213 -20.30 -14.13 11.05
N LYS A 214 -20.60 -12.93 10.55
CA LYS A 214 -21.83 -12.18 10.95
C LYS A 214 -22.89 -12.25 9.85
N LYS A 215 -24.02 -12.87 10.15
CA LYS A 215 -25.17 -12.98 9.22
C LYS A 215 -25.80 -11.61 9.09
N ILE A 216 -25.99 -11.12 7.86
CA ILE A 216 -26.73 -9.83 7.66
C ILE A 216 -28.20 -10.21 7.73
N GLU A 217 -28.94 -9.60 8.65
CA GLU A 217 -30.34 -10.02 8.87
C GLU A 217 -31.29 -8.87 8.54
N PRO A 218 -32.45 -9.17 7.92
CA PRO A 218 -33.39 -8.13 7.57
C PRO A 218 -34.00 -7.41 8.78
N ARG A 219 -34.42 -6.16 8.57
CA ARG A 219 -35.10 -5.38 9.64
C ARG A 219 -36.52 -5.93 9.85
N GLN B 1 29.59 10.87 -1.39
CA GLN B 1 29.80 9.54 -2.01
C GLN B 1 28.83 9.35 -3.17
N LEU B 2 28.33 8.13 -3.38
CA LEU B 2 27.46 7.84 -4.52
C LEU B 2 26.09 8.43 -4.19
N VAL B 3 25.66 9.45 -4.92
CA VAL B 3 24.37 10.14 -4.64
C VAL B 3 23.58 10.33 -5.94
N LEU B 4 22.32 9.88 -5.99
CA LEU B 4 21.44 10.10 -7.16
C LEU B 4 20.46 11.22 -6.82
N THR B 5 20.32 12.21 -7.70
CA THR B 5 19.46 13.38 -7.40
C THR B 5 18.29 13.49 -8.36
N GLN B 6 17.06 13.61 -7.84
CA GLN B 6 15.85 13.83 -8.66
C GLN B 6 14.98 14.89 -7.98
N SER B 7 14.23 15.67 -8.75
CA SER B 7 13.12 16.48 -8.19
C SER B 7 12.05 15.52 -7.66
N SER B 8 11.40 15.90 -6.55
CA SER B 8 10.35 15.08 -5.88
C SER B 8 9.12 14.92 -6.80
N SER B 9 8.62 15.99 -7.41
CA SER B 9 7.34 15.98 -8.18
C SER B 9 7.55 16.53 -9.59
N ALA B 10 6.75 16.00 -10.53
CA ALA B 10 6.78 16.41 -11.95
C ALA B 10 5.35 16.20 -12.48
N SER B 11 4.84 17.12 -13.30
CA SER B 11 3.47 17.02 -13.84
C SER B 11 3.48 17.13 -15.37
N PHE B 12 2.65 16.34 -16.06
CA PHE B 12 2.70 16.32 -17.54
C PHE B 12 1.32 16.13 -18.20
N SER B 13 0.84 17.12 -18.97
CA SER B 13 -0.41 17.03 -19.76
C SER B 13 -0.48 15.65 -20.41
N LEU B 14 -1.56 14.91 -20.13
CA LEU B 14 -1.80 13.56 -20.70
C LEU B 14 -1.60 13.58 -22.21
N GLY B 15 -0.80 12.66 -22.71
CA GLY B 15 -0.54 12.59 -24.16
C GLY B 15 0.78 13.22 -24.54
N ALA B 16 1.26 14.17 -23.73
CA ALA B 16 2.52 14.87 -24.01
C ALA B 16 3.74 13.99 -23.71
N SER B 17 4.92 14.53 -24.01
CA SER B 17 6.17 13.79 -23.73
C SER B 17 6.73 14.18 -22.36
N ALA B 18 7.03 13.18 -21.56
CA ALA B 18 7.57 13.37 -20.20
C ALA B 18 9.07 13.06 -20.24
N LYS B 19 9.91 13.96 -19.70
CA LYS B 19 11.37 13.69 -19.50
C LYS B 19 11.72 13.95 -18.01
N LEU B 20 12.10 12.86 -17.33
CA LEU B 20 12.48 12.75 -15.89
C LEU B 20 14.00 12.68 -15.78
N THR B 21 14.56 13.41 -14.81
CA THR B 21 16.03 13.58 -14.66
C THR B 21 16.47 12.89 -13.38
N CYS B 22 17.48 12.03 -13.49
CA CYS B 22 18.16 11.42 -12.33
C CYS B 22 19.64 11.75 -12.51
N THR B 23 20.13 12.78 -11.81
CA THR B 23 21.54 13.25 -11.97
C THR B 23 22.46 12.47 -11.06
N LEU B 24 23.62 12.06 -11.57
CA LEU B 24 24.62 11.31 -10.78
C LEU B 24 25.71 12.21 -10.22
N SER B 25 26.01 12.09 -8.92
CA SER B 25 27.21 12.66 -8.27
C SER B 25 28.35 12.67 -9.30
N SER B 26 29.06 13.81 -9.44
CA SER B 26 30.05 14.09 -10.52
C SER B 26 31.14 13.00 -10.55
N GLN B 27 31.55 12.48 -9.39
CA GLN B 27 32.65 11.48 -9.28
C GLN B 27 32.27 10.20 -10.05
N HIS B 28 30.97 9.99 -10.33
CA HIS B 28 30.41 8.72 -10.88
C HIS B 28 29.59 9.00 -12.15
N SER B 29 29.95 10.04 -12.91
CA SER B 29 29.19 10.46 -14.12
C SER B 29 29.06 9.37 -15.19
N THR B 30 29.83 8.30 -15.10
CA THR B 30 29.85 7.25 -16.18
C THR B 30 29.08 6.02 -15.74
N TYR B 31 28.41 6.09 -14.60
CA TYR B 31 27.79 4.87 -14.02
C TYR B 31 26.50 4.42 -14.71
N THR B 32 26.23 3.13 -14.66
CA THR B 32 24.97 2.54 -15.21
C THR B 32 23.95 2.52 -14.06
N ILE B 33 22.78 3.12 -14.29
CA ILE B 33 21.68 3.23 -13.29
C ILE B 33 20.55 2.25 -13.67
N GLU B 34 19.61 2.01 -12.77
CA GLU B 34 18.33 1.36 -13.14
C GLU B 34 17.19 2.35 -12.87
N TRP B 35 16.12 2.28 -13.67
CA TRP B 35 14.83 2.97 -13.35
C TRP B 35 13.87 1.96 -12.72
N TYR B 36 13.10 2.46 -11.74
CA TYR B 36 12.08 1.66 -11.05
C TYR B 36 10.77 2.47 -11.00
N GLN B 37 9.64 1.79 -11.02
CA GLN B 37 8.29 2.40 -10.97
C GLN B 37 7.60 1.92 -9.70
N GLN B 38 7.22 2.90 -8.86
CA GLN B 38 6.56 2.65 -7.55
C GLN B 38 5.14 3.21 -7.56
N GLN B 39 4.15 2.32 -7.59
CA GLN B 39 2.68 2.64 -7.59
C GLN B 39 2.06 2.06 -6.31
N PRO B 40 0.81 2.43 -5.97
CA PRO B 40 0.30 2.23 -4.61
C PRO B 40 0.02 0.75 -4.23
N LEU B 41 0.42 0.38 -3.01
CA LEU B 41 0.27 -0.98 -2.38
C LEU B 41 0.67 -2.09 -3.37
N LYS B 42 1.61 -1.76 -4.25
CA LYS B 42 2.15 -2.76 -5.20
C LYS B 42 3.67 -2.78 -4.98
N PRO B 43 4.35 -3.92 -5.18
CA PRO B 43 5.81 -3.93 -5.07
C PRO B 43 6.41 -3.01 -6.15
N PRO B 44 7.60 -2.44 -5.92
CA PRO B 44 8.26 -1.62 -6.94
C PRO B 44 8.52 -2.40 -8.25
N LYS B 45 8.52 -1.74 -9.41
CA LYS B 45 8.64 -2.46 -10.72
C LYS B 45 9.95 -2.06 -11.39
N TYR B 46 10.66 -3.07 -11.92
CA TYR B 46 11.89 -2.83 -12.71
C TYR B 46 11.50 -2.24 -14.06
N VAL B 47 12.14 -1.14 -14.43
CA VAL B 47 11.81 -0.39 -15.68
C VAL B 47 12.89 -0.62 -16.74
N MET B 48 14.16 -0.31 -16.43
CA MET B 48 15.30 -0.53 -17.37
C MET B 48 16.65 -0.41 -16.64
N GLU B 49 17.71 -0.95 -17.28
CA GLU B 49 19.14 -0.61 -17.12
C GLU B 49 19.46 0.47 -18.15
N LEU B 50 20.11 1.58 -17.76
CA LEU B 50 20.46 2.70 -18.67
C LEU B 50 21.96 3.04 -18.51
N LYS B 51 22.74 2.76 -19.56
CA LYS B 51 24.21 3.00 -19.53
C LYS B 51 24.53 4.42 -19.99
N LYS B 52 25.81 4.78 -20.00
CA LYS B 52 26.23 6.17 -20.33
C LYS B 52 26.07 6.48 -21.82
N ASP B 53 26.14 5.47 -22.68
CA ASP B 53 26.03 5.67 -24.16
C ASP B 53 24.56 5.89 -24.54
N GLY B 54 23.67 5.84 -23.55
CA GLY B 54 22.23 6.00 -23.82
C GLY B 54 21.62 4.66 -24.12
N SER B 55 22.45 3.62 -24.15
CA SER B 55 21.92 2.26 -24.37
C SER B 55 20.98 1.92 -23.22
N HIS B 56 19.83 1.34 -23.55
CA HIS B 56 18.83 1.00 -22.53
C HIS B 56 18.44 -0.46 -22.68
N SER B 57 17.91 -1.06 -21.62
CA SER B 57 17.59 -2.51 -21.65
C SER B 57 16.37 -2.80 -20.75
N THR B 58 15.20 -2.31 -21.18
CA THR B 58 13.92 -2.29 -20.41
C THR B 58 13.55 -3.70 -19.95
N GLY B 59 12.84 -3.82 -18.83
CA GLY B 59 12.40 -5.11 -18.26
C GLY B 59 11.08 -5.57 -18.86
N ASP B 60 10.63 -6.76 -18.49
CA ASP B 60 9.31 -7.35 -18.87
C ASP B 60 8.21 -6.31 -18.60
N GLY B 61 7.14 -6.34 -19.40
CA GLY B 61 5.88 -5.60 -19.13
C GLY B 61 5.93 -4.11 -19.47
N ILE B 62 7.05 -3.58 -19.97
CA ILE B 62 7.26 -2.10 -20.16
C ILE B 62 6.96 -1.70 -21.61
N PRO B 63 5.99 -0.76 -21.83
CA PRO B 63 5.69 -0.25 -23.17
C PRO B 63 6.79 0.49 -23.92
N ASP B 64 6.64 0.62 -25.24
CA ASP B 64 7.65 1.30 -26.09
C ASP B 64 7.70 2.78 -25.72
N ARG B 65 6.63 3.30 -25.15
CA ARG B 65 6.56 4.75 -24.87
C ARG B 65 7.72 5.09 -23.94
N PHE B 66 8.21 4.07 -23.23
CA PHE B 66 9.33 4.25 -22.28
C PHE B 66 10.66 4.15 -23.01
N SER B 67 11.45 5.22 -22.94
CA SER B 67 12.75 5.27 -23.65
C SER B 67 13.82 5.74 -22.65
N GLY B 68 15.09 5.69 -23.04
CA GLY B 68 16.18 6.10 -22.14
C GLY B 68 17.31 6.79 -22.87
N SER B 69 17.91 7.82 -22.26
CA SER B 69 19.04 8.54 -22.86
C SER B 69 19.99 9.04 -21.76
N SER B 70 21.23 9.37 -22.12
CA SER B 70 22.21 9.90 -21.13
C SER B 70 22.82 11.19 -21.67
N SER B 71 23.14 12.14 -20.80
CA SER B 71 23.76 13.43 -21.20
C SER B 71 24.81 13.79 -20.15
N GLY B 72 25.88 13.01 -20.11
CA GLY B 72 26.92 13.23 -19.10
C GLY B 72 26.53 12.57 -17.80
N ALA B 73 26.38 13.35 -16.76
CA ALA B 73 26.03 12.90 -15.39
C ALA B 73 24.51 12.84 -15.25
N ASP B 74 23.79 13.04 -16.35
CA ASP B 74 22.31 13.03 -16.34
C ASP B 74 21.79 11.78 -17.02
N ARG B 75 20.99 10.99 -16.32
CA ARG B 75 20.33 9.79 -16.89
C ARG B 75 18.86 10.16 -17.02
N TYR B 76 18.21 9.83 -18.15
CA TYR B 76 16.83 10.31 -18.39
C TYR B 76 15.85 9.18 -18.68
N LEU B 77 14.62 9.29 -18.17
CA LEU B 77 13.56 8.33 -18.53
C LEU B 77 12.54 9.11 -19.34
N SER B 78 12.29 8.70 -20.59
CA SER B 78 11.37 9.45 -21.47
C SER B 78 10.12 8.63 -21.71
N ILE B 79 8.95 9.19 -21.41
CA ILE B 79 7.66 8.49 -21.69
C ILE B 79 7.00 9.28 -22.82
N SER B 80 6.77 8.64 -23.97
CA SER B 80 6.27 9.37 -25.17
C SER B 80 4.83 9.83 -24.99
N ASN B 81 3.93 8.90 -24.71
CA ASN B 81 2.51 9.29 -24.51
C ASN B 81 2.27 9.19 -23.02
N ILE B 82 2.18 10.30 -22.33
CA ILE B 82 2.02 10.14 -20.86
C ILE B 82 0.58 9.68 -20.65
N GLN B 83 0.41 8.42 -20.24
CA GLN B 83 -0.93 7.86 -19.99
C GLN B 83 -1.26 7.91 -18.50
N PRO B 84 -2.56 7.89 -18.12
CA PRO B 84 -2.95 7.76 -16.72
C PRO B 84 -2.20 6.65 -15.96
N GLU B 85 -2.09 5.44 -16.51
CA GLU B 85 -1.44 4.26 -15.83
C GLU B 85 0.04 4.55 -15.53
N ASP B 86 0.72 5.41 -16.31
CA ASP B 86 2.15 5.75 -16.13
C ASP B 86 2.32 6.56 -14.83
N GLU B 87 1.23 7.13 -14.32
CA GLU B 87 1.21 7.90 -13.04
C GLU B 87 1.74 7.00 -11.93
N ALA B 88 2.80 7.43 -11.24
CA ALA B 88 3.66 6.59 -10.38
C ALA B 88 4.77 7.46 -9.83
N ILE B 89 5.49 6.89 -8.87
CA ILE B 89 6.80 7.41 -8.38
C ILE B 89 7.89 6.70 -9.18
N TYR B 90 8.75 7.48 -9.83
CA TYR B 90 9.93 6.97 -10.58
C TYR B 90 11.18 7.20 -9.74
N ILE B 91 11.89 6.10 -9.48
CA ILE B 91 13.11 6.05 -8.63
C ILE B 91 14.26 5.43 -9.44
N CYS B 92 15.41 6.08 -9.37
CA CYS B 92 16.63 5.54 -10.01
C CYS B 92 17.52 4.85 -8.97
N GLY B 93 18.14 3.72 -9.31
CA GLY B 93 19.06 2.97 -8.46
C GLY B 93 20.40 2.81 -9.16
N VAL B 94 21.46 2.79 -8.33
CA VAL B 94 22.85 2.62 -8.83
C VAL B 94 23.66 1.74 -7.87
N GLY B 95 24.44 0.82 -8.41
CA GLY B 95 25.38 -0.04 -7.67
C GLY B 95 26.84 0.31 -7.98
N ASP B 96 27.70 0.13 -6.98
CA ASP B 96 29.18 0.28 -7.06
C ASP B 96 29.76 -0.56 -5.93
N THR B 97 31.01 -1.01 -6.07
CA THR B 97 31.72 -1.74 -4.99
C THR B 97 32.85 -0.83 -4.50
N ILE B 98 32.64 -0.21 -3.34
CA ILE B 98 33.71 0.61 -2.71
C ILE B 98 34.48 -0.42 -1.91
N LYS B 99 35.81 -0.36 -1.90
CA LYS B 99 36.60 -1.43 -1.24
C LYS B 99 36.12 -2.78 -1.80
N GLU B 100 35.81 -3.73 -0.93
CA GLU B 100 35.23 -5.00 -1.41
C GLU B 100 33.76 -5.05 -0.99
N GLN B 101 33.16 -3.90 -0.69
CA GLN B 101 31.77 -3.83 -0.19
C GLN B 101 30.80 -3.32 -1.26
N PHE B 102 29.80 -4.13 -1.64
CA PHE B 102 28.74 -3.73 -2.61
C PHE B 102 27.69 -2.87 -1.90
N VAL B 103 27.44 -1.68 -2.45
CA VAL B 103 26.37 -0.76 -2.00
C VAL B 103 25.39 -0.61 -3.16
N TYR B 104 24.10 -0.36 -2.87
CA TYR B 104 23.11 0.12 -3.85
C TYR B 104 22.45 1.37 -3.26
N VAL B 105 22.31 2.40 -4.08
CA VAL B 105 21.78 3.71 -3.63
C VAL B 105 20.61 4.14 -4.50
N PHE B 106 19.49 4.50 -3.90
CA PHE B 106 18.27 4.99 -4.59
C PHE B 106 18.25 6.50 -4.49
N GLY B 107 17.66 7.10 -5.52
CA GLY B 107 17.39 8.54 -5.48
C GLY B 107 16.08 8.75 -4.73
N GLY B 108 15.72 10.00 -4.50
CA GLY B 108 14.56 10.38 -3.65
C GLY B 108 13.22 10.03 -4.29
N GLY B 109 13.20 9.77 -5.59
CA GLY B 109 11.97 9.43 -6.32
C GLY B 109 11.34 10.68 -6.88
N THR B 110 10.72 10.57 -8.05
CA THR B 110 9.93 11.63 -8.72
C THR B 110 8.48 11.15 -8.83
N LYS B 111 7.58 11.72 -8.01
CA LYS B 111 6.13 11.47 -8.08
C LYS B 111 5.60 12.18 -9.32
N VAL B 112 5.16 11.42 -10.32
CA VAL B 112 4.65 11.98 -11.60
C VAL B 112 3.13 12.06 -11.56
N THR B 113 2.58 13.26 -11.75
CA THR B 113 1.12 13.46 -11.81
C THR B 113 0.77 13.78 -13.25
N VAL B 114 -0.07 12.96 -13.88
CA VAL B 114 -0.52 13.20 -15.28
C VAL B 114 -1.66 14.23 -15.24
N LEU B 115 -1.49 15.37 -15.91
CA LEU B 115 -2.49 16.47 -15.81
C LEU B 115 -3.46 16.44 -16.99
N GLY B 116 -4.58 17.14 -16.87
CA GLY B 116 -5.55 17.23 -17.97
C GLY B 116 -6.42 16.00 -18.04
N GLN B 117 -6.36 15.20 -16.99
CA GLN B 117 -7.14 13.96 -16.95
C GLN B 117 -8.60 14.32 -16.59
N PRO B 118 -9.64 13.68 -17.17
CA PRO B 118 -11.01 13.96 -16.78
C PRO B 118 -11.25 13.32 -15.41
N LYS B 119 -12.07 13.98 -14.57
CA LYS B 119 -12.26 13.55 -13.18
C LYS B 119 -13.34 12.46 -13.11
N SER B 120 -13.42 11.79 -11.96
CA SER B 120 -14.53 10.89 -11.54
C SER B 120 -15.03 11.37 -10.19
N THR B 121 -16.32 11.67 -10.06
CA THR B 121 -16.85 12.22 -8.80
C THR B 121 -17.33 11.07 -7.90
N PRO B 122 -17.06 11.16 -6.58
CA PRO B 122 -17.45 10.11 -5.67
C PRO B 122 -18.96 9.86 -5.68
N THR B 123 -19.29 8.60 -5.40
CA THR B 123 -20.67 8.16 -5.16
C THR B 123 -20.64 7.74 -3.69
N LEU B 124 -21.73 7.89 -2.96
CA LEU B 124 -21.69 7.66 -1.50
C LEU B 124 -22.59 6.50 -1.03
N THR B 125 -22.10 5.69 -0.09
CA THR B 125 -22.91 4.60 0.50
C THR B 125 -22.87 4.83 2.01
N VAL B 126 -24.02 5.13 2.59
CA VAL B 126 -24.10 5.45 4.03
C VAL B 126 -24.81 4.33 4.78
N PHE B 127 -24.37 4.05 6.01
CA PHE B 127 -25.04 3.04 6.84
C PHE B 127 -25.39 3.59 8.24
N PRO B 128 -26.63 3.40 8.75
CA PRO B 128 -26.97 3.78 10.13
C PRO B 128 -26.35 2.78 11.11
N PRO B 129 -26.31 3.12 12.41
CA PRO B 129 -25.82 2.18 13.41
C PRO B 129 -26.71 0.94 13.41
N SER B 130 -26.10 -0.23 13.57
CA SER B 130 -26.81 -1.52 13.79
C SER B 130 -27.55 -1.45 15.13
N SER B 131 -28.66 -2.16 15.22
CA SER B 131 -29.43 -2.41 16.46
C SER B 131 -28.47 -2.95 17.53
N GLU B 132 -27.52 -3.75 17.10
CA GLU B 132 -26.61 -4.50 17.98
C GLU B 132 -25.69 -3.48 18.66
N GLU B 133 -25.14 -2.54 17.90
CA GLU B 133 -24.18 -1.56 18.43
C GLU B 133 -24.95 -0.61 19.34
N LEU B 134 -26.15 -0.21 18.93
CA LEU B 134 -27.07 0.71 19.70
C LEU B 134 -27.37 0.17 21.10
N LYS B 135 -27.45 -1.15 21.29
CA LYS B 135 -27.62 -1.81 22.60
C LYS B 135 -26.43 -1.55 23.55
N GLU B 136 -25.29 -1.13 23.05
CA GLU B 136 -24.10 -0.83 23.88
C GLU B 136 -24.05 0.69 24.11
N ASN B 137 -25.13 1.41 23.75
CA ASN B 137 -25.24 2.89 23.85
C ASN B 137 -24.13 3.56 23.02
N LYS B 138 -23.72 2.90 21.94
CA LYS B 138 -22.75 3.48 20.96
C LYS B 138 -23.42 3.48 19.56
N ALA B 139 -23.00 4.38 18.68
CA ALA B 139 -23.61 4.49 17.33
C ALA B 139 -22.55 4.87 16.30
N THR B 140 -22.09 3.97 15.44
CA THR B 140 -21.12 4.35 14.38
C THR B 140 -21.89 4.59 13.08
N LEU B 141 -21.79 5.79 12.53
CA LEU B 141 -22.37 6.07 11.20
C LEU B 141 -21.25 5.84 10.18
N VAL B 142 -21.57 5.19 9.06
CA VAL B 142 -20.52 4.79 8.09
C VAL B 142 -20.73 5.50 6.74
N CYS B 143 -19.65 6.07 6.19
CA CYS B 143 -19.71 6.67 4.84
C CYS B 143 -18.65 6.01 3.97
N LEU B 144 -19.09 5.33 2.93
CA LEU B 144 -18.16 4.65 2.01
C LEU B 144 -18.12 5.44 0.70
N ILE B 145 -16.93 5.91 0.31
CA ILE B 145 -16.79 6.81 -0.86
C ILE B 145 -16.13 6.06 -2.01
N SER B 146 -16.83 5.93 -3.14
CA SER B 146 -16.36 5.13 -4.28
C SER B 146 -16.10 5.98 -5.52
N ASN B 147 -15.17 5.53 -6.36
CA ASN B 147 -15.05 5.88 -7.80
C ASN B 147 -14.64 7.34 -8.03
N PHE B 148 -13.57 7.76 -7.37
CA PHE B 148 -13.11 9.16 -7.47
C PHE B 148 -11.71 9.23 -8.05
N SER B 149 -11.43 10.29 -8.80
CA SER B 149 -10.09 10.56 -9.39
C SER B 149 -10.15 12.06 -9.68
N PRO B 150 -9.16 12.87 -9.26
CA PRO B 150 -8.05 12.40 -8.46
C PRO B 150 -8.28 11.89 -7.02
N SER B 151 -7.22 11.53 -6.32
CA SER B 151 -7.29 10.98 -4.95
C SER B 151 -7.80 11.98 -3.91
N GLY B 152 -7.44 13.24 -4.03
CA GLY B 152 -7.74 14.24 -2.99
C GLY B 152 -9.20 14.47 -2.64
N VAL B 153 -9.57 14.19 -1.40
CA VAL B 153 -10.94 14.49 -0.90
C VAL B 153 -10.86 15.13 0.49
N THR B 154 -11.90 15.85 0.89
CA THR B 154 -12.10 16.27 2.29
C THR B 154 -13.48 15.75 2.65
N VAL B 155 -13.60 15.11 3.83
CA VAL B 155 -14.91 14.65 4.38
C VAL B 155 -15.29 15.50 5.60
N ALA B 156 -16.56 15.91 5.65
CA ALA B 156 -17.19 16.52 6.83
C ALA B 156 -18.51 15.82 7.13
N TRP B 157 -18.92 15.93 8.39
CA TRP B 157 -20.19 15.35 8.82
C TRP B 157 -21.04 16.47 9.43
N LYS B 158 -22.34 16.40 9.21
CA LYS B 158 -23.27 17.41 9.75
C LYS B 158 -24.29 16.73 10.64
N ALA B 159 -24.66 17.38 11.73
CA ALA B 159 -25.77 16.90 12.55
C ALA B 159 -26.85 17.96 12.40
N ASN B 160 -27.89 17.69 11.62
CA ASN B 160 -28.92 18.70 11.31
C ASN B 160 -28.28 20.02 10.86
N GLY B 161 -27.55 20.05 9.75
CA GLY B 161 -27.07 21.35 9.20
C GLY B 161 -25.84 21.93 9.92
N THR B 162 -25.61 21.51 11.16
CA THR B 162 -24.46 21.97 11.98
C THR B 162 -23.30 20.97 11.88
N PRO B 163 -22.05 21.38 11.56
CA PRO B 163 -20.91 20.48 11.48
C PRO B 163 -20.68 19.76 12.82
N ILE B 164 -20.10 18.56 12.75
CA ILE B 164 -19.68 17.83 13.96
C ILE B 164 -18.24 17.38 13.70
N THR B 165 -17.33 17.67 14.62
CA THR B 165 -15.89 17.34 14.45
C THR B 165 -15.54 16.14 15.32
N GLN B 166 -16.18 16.01 16.46
CA GLN B 166 -15.79 14.95 17.42
C GLN B 166 -16.32 13.58 17.02
N GLY B 167 -15.47 12.57 17.13
CA GLY B 167 -15.88 11.20 16.75
C GLY B 167 -15.77 10.96 15.28
N VAL B 168 -15.23 11.94 14.55
CA VAL B 168 -15.02 11.76 13.08
C VAL B 168 -13.63 11.17 12.79
N ASP B 169 -13.61 10.01 12.17
CA ASP B 169 -12.38 9.32 11.70
C ASP B 169 -12.51 9.16 10.19
N THR B 170 -11.54 9.69 9.43
CA THR B 170 -11.59 9.64 7.94
C THR B 170 -10.34 8.96 7.41
N SER B 171 -10.52 8.02 6.50
CA SER B 171 -9.38 7.25 5.94
C SER B 171 -8.60 8.02 4.89
N ASN B 172 -7.48 7.44 4.51
CA ASN B 172 -6.71 7.98 3.39
C ASN B 172 -7.31 7.34 2.13
N PRO B 173 -7.25 7.97 0.93
CA PRO B 173 -7.72 7.34 -0.29
C PRO B 173 -6.80 6.13 -0.50
N THR B 174 -7.31 5.09 -1.15
CA THR B 174 -6.49 4.01 -1.71
C THR B 174 -6.99 3.76 -3.13
N LYS B 175 -6.15 3.20 -3.98
CA LYS B 175 -6.51 2.99 -5.40
C LYS B 175 -7.22 1.67 -5.62
N GLU B 176 -8.35 1.69 -6.32
CA GLU B 176 -9.04 0.45 -6.73
C GLU B 176 -9.18 0.61 -8.25
N GLY B 177 -8.42 -0.15 -9.02
CA GLY B 177 -8.42 0.04 -10.47
C GLY B 177 -7.93 1.42 -10.87
N ASN B 178 -8.66 2.10 -11.73
CA ASN B 178 -8.19 3.41 -12.27
C ASN B 178 -8.61 4.57 -11.38
N LYS B 179 -9.45 4.30 -10.39
CA LYS B 179 -9.98 5.37 -9.52
C LYS B 179 -9.56 5.13 -8.07
N PHE B 180 -10.24 5.74 -7.11
CA PHE B 180 -9.88 5.64 -5.67
C PHE B 180 -11.11 5.44 -4.78
N MET B 181 -10.91 4.92 -3.55
CA MET B 181 -11.99 4.68 -2.56
C MET B 181 -11.54 5.26 -1.21
N ALA B 182 -12.48 5.58 -0.34
CA ALA B 182 -12.13 6.09 1.00
C ALA B 182 -13.28 5.81 1.96
N SER B 183 -13.05 6.02 3.24
CA SER B 183 -14.10 5.78 4.26
C SER B 183 -14.08 6.85 5.35
N SER B 184 -15.24 7.23 5.85
CA SER B 184 -15.35 8.12 7.03
C SER B 184 -16.37 7.51 8.00
N PHE B 185 -16.08 7.60 9.28
CA PHE B 185 -16.94 7.08 10.36
C PHE B 185 -17.20 8.22 11.32
N LEU B 186 -18.46 8.37 11.76
CA LEU B 186 -18.88 9.33 12.82
C LEU B 186 -19.32 8.53 14.05
N HIS B 187 -18.59 8.71 15.15
CA HIS B 187 -18.78 8.01 16.44
C HIS B 187 -19.65 8.85 17.37
N LEU B 188 -20.88 8.40 17.64
CA LEU B 188 -21.91 9.09 18.48
C LEU B 188 -22.31 8.13 19.62
N THR B 189 -23.01 8.64 20.64
CA THR B 189 -23.79 7.86 21.63
C THR B 189 -25.10 7.48 20.94
N SER B 190 -25.81 6.48 21.46
CA SER B 190 -27.09 6.07 20.86
C SER B 190 -28.09 7.21 21.09
N ASP B 191 -27.96 8.00 22.15
CA ASP B 191 -28.85 9.16 22.41
C ASP B 191 -28.65 10.25 21.35
N GLN B 192 -27.41 10.65 21.12
CA GLN B 192 -27.11 11.69 20.09
C GLN B 192 -27.71 11.20 18.77
N TRP B 193 -27.52 9.92 18.44
CA TRP B 193 -28.05 9.28 17.20
C TRP B 193 -29.57 9.46 17.13
N ARG B 194 -30.30 9.18 18.22
CA ARG B 194 -31.80 9.21 18.21
C ARG B 194 -32.34 10.64 18.35
N SER B 195 -31.57 11.57 18.89
CA SER B 195 -32.05 12.93 19.29
C SER B 195 -31.97 13.95 18.12
N HIS B 196 -31.38 13.62 16.96
CA HIS B 196 -31.30 14.50 15.76
C HIS B 196 -32.17 13.95 14.63
N ASN B 197 -32.72 14.80 13.75
CA ASN B 197 -33.58 14.43 12.60
C ASN B 197 -32.77 13.94 11.40
N SER B 198 -31.48 14.27 11.32
CA SER B 198 -30.61 13.84 10.20
C SER B 198 -29.14 13.99 10.60
N PHE B 199 -28.30 13.24 9.89
CA PHE B 199 -26.83 13.39 9.96
C PHE B 199 -26.42 13.35 8.49
N THR B 200 -25.39 14.08 8.11
CA THR B 200 -25.04 14.15 6.67
C THR B 200 -23.54 13.89 6.42
N CYS B 201 -23.21 12.94 5.55
CA CYS B 201 -21.82 12.76 5.10
C CYS B 201 -21.65 13.70 3.91
N GLN B 202 -20.65 14.57 4.00
CA GLN B 202 -20.40 15.57 2.94
C GLN B 202 -18.97 15.39 2.45
N VAL B 203 -18.83 14.95 1.21
CA VAL B 203 -17.49 14.82 0.58
C VAL B 203 -17.27 15.97 -0.41
N THR B 204 -16.09 16.56 -0.39
CA THR B 204 -15.70 17.66 -1.30
C THR B 204 -14.57 17.12 -2.16
N HIS B 205 -14.76 17.14 -3.48
CA HIS B 205 -13.77 16.59 -4.44
C HIS B 205 -13.62 17.50 -5.67
N GLU B 206 -12.45 18.10 -5.83
CA GLU B 206 -12.14 18.92 -7.03
C GLU B 206 -13.27 19.91 -7.32
N GLY B 207 -13.60 20.73 -6.33
CA GLY B 207 -14.66 21.75 -6.53
C GLY B 207 -16.07 21.19 -6.39
N ASP B 208 -16.26 19.89 -6.40
CA ASP B 208 -17.62 19.31 -6.34
C ASP B 208 -17.89 18.89 -4.90
N THR B 209 -19.16 18.91 -4.53
CA THR B 209 -19.60 18.45 -3.20
C THR B 209 -20.63 17.34 -3.39
N VAL B 210 -20.49 16.23 -2.68
CA VAL B 210 -21.47 15.12 -2.71
C VAL B 210 -21.95 14.88 -1.29
N GLU B 211 -23.25 14.74 -1.11
CA GLU B 211 -23.84 14.51 0.23
C GLU B 211 -24.89 13.41 0.23
N LYS B 212 -24.82 12.46 1.16
CA LYS B 212 -25.90 11.48 1.42
C LYS B 212 -26.19 11.58 2.91
N SER B 213 -27.48 11.59 3.26
CA SER B 213 -27.91 11.80 4.67
C SER B 213 -28.65 10.60 5.26
N LEU B 214 -28.67 10.48 6.58
CA LEU B 214 -29.38 9.44 7.37
C LEU B 214 -30.35 10.11 8.35
N SER B 215 -31.55 9.54 8.54
CA SER B 215 -32.50 9.87 9.64
C SER B 215 -32.70 8.67 10.57
N PRO B 216 -32.63 8.85 11.90
CA PRO B 216 -33.11 7.83 12.83
C PRO B 216 -34.57 7.35 12.65
N ALA B 217 -35.39 8.08 11.91
CA ALA B 217 -36.76 7.61 11.64
C ALA B 217 -36.77 6.75 10.38
N VAL C 1 36.26 3.56 -12.29
CA VAL C 1 35.38 2.57 -12.95
C VAL C 1 34.30 2.11 -11.97
N GLN C 2 33.16 1.69 -12.55
CA GLN C 2 32.07 1.09 -11.75
C GLN C 2 32.33 -0.41 -11.61
N ILE C 3 32.16 -0.94 -10.42
CA ILE C 3 32.41 -2.37 -10.07
C ILE C 3 31.14 -2.93 -9.41
N PHE C 4 30.65 -4.07 -9.90
CA PHE C 4 29.57 -4.88 -9.29
C PHE C 4 30.16 -6.20 -8.80
N ASN C 5 30.47 -6.31 -7.52
CA ASN C 5 31.20 -7.49 -7.00
C ASN C 5 30.52 -7.96 -5.70
N LYS C 6 29.56 -8.89 -5.83
CA LYS C 6 28.74 -9.31 -4.67
C LYS C 6 29.11 -10.73 -4.25
#